data_2ARQ
#
_entry.id   2ARQ
#
_cell.length_a   92.562
_cell.length_b   104.126
_cell.length_c   41.438
_cell.angle_alpha   90.00
_cell.angle_beta   90.00
_cell.angle_gamma   90.00
#
_symmetry.space_group_name_H-M   'P 21 21 2'
#
loop_
_entity.id
_entity.type
_entity.pdbx_description
1 polymer 'Plasminogen activator inhibitor-2'
2 polymer '14-mer from Plasminogen activator inhibitor-2'
3 water water
#
loop_
_entity_poly.entity_id
_entity_poly.type
_entity_poly.pdbx_seq_one_letter_code
_entity_poly.pdbx_strand_id
1 'polypeptide(L)'
;MEDLCVANTLFALNLFKHLAKASPTQNLFLSPWSISSTMAMVYMGSRGSTEDQMASVLQFNEVGAAADKIHSSFRSLSSA
INASTGNYLLESVNKLFGEKSASFREEYIRLCQKYYSSEPQAVDFLECAEEARKKINSWVKTQTKGKIPNLLPEGSVDGD
TRMVLVNAVYFKGKWKTPFEKKLNGLFPFRVNSAQRTPVQMMYLREKLNIGYIEDLKAQILELPYAGDVSMFLLLPDEIA
DVSTGLELLESEITYDKLNKWTSKDKMAEDEVEVYIPQFKLEEHYELRSILRSMGMEDAFNKGRANFSGMSERNDLFLSE
VFHQAMVDVNEEGTEAAAGTGGVMTGRTGHGGPQFVADHPFLFLIMHKITNCILFFGRFSSP
;
A
2 'polypeptide(L)' (ACE)TEAAAGDGGVMTGR P
#
loop_
_chem_comp.id
_chem_comp.type
_chem_comp.name
_chem_comp.formula
ACE non-polymer 'ACETYL GROUP' 'C2 H4 O'
#
# COMPACT_ATOMS: atom_id res chain seq x y z
N ASP A 3 12.00 -15.35 -1.75
CA ASP A 3 10.93 -14.34 -2.11
C ASP A 3 11.55 -12.98 -2.48
N LEU A 4 11.40 -12.62 -3.76
CA LEU A 4 12.00 -11.41 -4.31
C LEU A 4 11.35 -10.07 -3.87
N CYS A 5 10.28 -10.11 -3.07
CA CYS A 5 9.69 -8.89 -2.46
C CYS A 5 9.76 -8.82 -0.90
N VAL A 6 10.61 -9.64 -0.30
CA VAL A 6 10.68 -9.78 1.17
C VAL A 6 10.89 -8.46 1.93
N ALA A 7 11.77 -7.62 1.44
CA ALA A 7 12.05 -6.35 2.12
C ALA A 7 10.79 -5.51 2.18
N ASN A 8 10.08 -5.45 1.06
CA ASN A 8 8.89 -4.64 0.95
C ASN A 8 7.76 -5.18 1.87
N THR A 9 7.66 -6.49 1.98
CA THR A 9 6.70 -7.12 2.84
C THR A 9 7.04 -6.89 4.33
N LEU A 10 8.31 -7.04 4.69
CA LEU A 10 8.77 -6.73 6.04
C LEU A 10 8.44 -5.30 6.40
N PHE A 11 8.74 -4.36 5.49
CA PHE A 11 8.45 -2.94 5.68
C PHE A 11 6.92 -2.73 5.77
N ALA A 12 6.16 -3.37 4.89
CA ALA A 12 4.70 -3.24 4.89
C ALA A 12 4.10 -3.61 6.28
N LEU A 13 4.55 -4.70 6.87
CA LEU A 13 3.97 -5.13 8.14
C LEU A 13 4.36 -4.19 9.29
N ASN A 14 5.63 -3.74 9.30
CA ASN A 14 6.09 -2.84 10.33
CA ASN A 14 6.14 -2.81 10.31
C ASN A 14 5.39 -1.50 10.23
N LEU A 15 5.24 -0.99 8.99
CA LEU A 15 4.51 0.24 8.73
C LEU A 15 3.05 0.13 9.22
N PHE A 16 2.39 -0.97 8.86
CA PHE A 16 1.01 -1.22 9.30
C PHE A 16 0.89 -1.13 10.83
N LYS A 17 1.82 -1.77 11.54
CA LYS A 17 1.85 -1.81 12.99
C LYS A 17 2.03 -0.45 13.59
N HIS A 18 2.91 0.35 13.02
CA HIS A 18 3.13 1.65 13.51
C HIS A 18 1.97 2.57 13.21
N LEU A 19 1.38 2.45 12.01
CA LEU A 19 0.15 3.16 11.68
C LEU A 19 -1.02 2.76 12.61
N ALA A 20 -1.08 1.48 13.00
CA ALA A 20 -2.13 1.02 13.87
C ALA A 20 -2.03 1.65 15.31
N LYS A 21 -0.87 2.17 15.71
CA LYS A 21 -0.75 2.92 16.97
C LYS A 21 -1.41 4.30 16.83
N ALA A 22 -1.29 4.89 15.66
CA ALA A 22 -1.89 6.14 15.34
C ALA A 22 -3.39 5.96 15.16
N SER A 23 -3.79 4.83 14.60
CA SER A 23 -5.16 4.62 14.24
C SER A 23 -5.54 3.19 14.58
N PRO A 24 -5.85 2.98 15.84
CA PRO A 24 -6.06 1.62 16.34
C PRO A 24 -7.28 0.79 15.90
N THR A 25 -8.38 1.42 15.51
CA THR A 25 -9.68 0.77 15.32
C THR A 25 -10.43 1.11 14.01
N GLN A 26 -10.26 2.31 13.45
CA GLN A 26 -11.00 2.74 12.23
C GLN A 26 -10.51 1.99 11.00
N ASN A 27 -11.25 2.08 9.90
CA ASN A 27 -10.80 1.54 8.61
C ASN A 27 -9.42 2.11 8.26
N LEU A 28 -8.56 1.25 7.71
CA LEU A 28 -7.22 1.65 7.25
C LEU A 28 -7.02 1.02 5.90
N PHE A 29 -6.37 1.73 4.95
CA PHE A 29 -6.09 1.18 3.62
C PHE A 29 -4.94 1.98 3.03
N LEU A 30 -3.97 1.25 2.51
CA LEU A 30 -2.79 1.85 1.95
C LEU A 30 -2.18 0.90 0.91
N SER A 31 -1.24 1.43 0.15
CA SER A 31 -0.46 0.67 -0.83
C SER A 31 0.94 0.71 -0.31
N PRO A 32 1.34 -0.37 0.29
CA PRO A 32 2.74 -0.37 0.69
C PRO A 32 3.75 -0.38 -0.49
N TRP A 33 3.43 -1.11 -1.56
CA TRP A 33 4.21 -1.09 -2.79
C TRP A 33 4.49 0.38 -3.17
N SER A 34 3.45 1.20 -3.20
CA SER A 34 3.59 2.62 -3.61
C SER A 34 4.57 3.37 -2.74
N ILE A 35 4.42 3.15 -1.45
CA ILE A 35 5.30 3.74 -0.46
C ILE A 35 6.73 3.33 -0.62
N SER A 36 6.99 2.02 -0.63
CA SER A 36 8.32 1.48 -0.88
C SER A 36 9.01 2.07 -2.13
N SER A 37 8.26 2.16 -3.24
CA SER A 37 8.82 2.69 -4.50
CA SER A 37 8.75 2.74 -4.53
C SER A 37 9.18 4.18 -4.34
N THR A 38 8.31 4.96 -3.74
CA THR A 38 8.59 6.39 -3.47
C THR A 38 9.85 6.52 -2.58
N MET A 39 9.89 5.73 -1.51
CA MET A 39 10.97 5.85 -0.55
C MET A 39 12.31 5.29 -1.15
N ALA A 40 12.24 4.33 -2.09
CA ALA A 40 13.45 3.88 -2.77
C ALA A 40 14.08 4.98 -3.62
N MET A 41 13.24 5.77 -4.29
CA MET A 41 13.72 6.93 -5.03
C MET A 41 14.38 7.99 -4.13
N VAL A 42 13.81 8.19 -2.93
CA VAL A 42 14.31 9.16 -1.99
C VAL A 42 15.65 8.60 -1.43
N TYR A 43 15.66 7.32 -1.09
CA TYR A 43 16.88 6.63 -0.61
C TYR A 43 18.07 6.72 -1.57
N MET A 44 17.79 6.62 -2.87
CA MET A 44 18.83 6.78 -3.89
C MET A 44 19.62 8.11 -3.73
N GLY A 45 18.92 9.14 -3.30
CA GLY A 45 19.44 10.46 -3.06
C GLY A 45 20.13 10.72 -1.71
N SER A 46 19.99 9.81 -0.78
CA SER A 46 20.45 9.95 0.59
C SER A 46 21.85 9.47 0.79
N ARG A 47 22.48 10.07 1.80
CA ARG A 47 23.82 9.69 2.22
C ARG A 47 24.01 9.74 3.71
N GLY A 48 25.17 9.24 4.13
CA GLY A 48 25.51 9.24 5.55
C GLY A 48 24.50 8.53 6.43
N SER A 49 24.22 9.12 7.60
CA SER A 49 23.33 8.52 8.56
C SER A 49 21.89 8.43 8.03
N THR A 50 21.53 9.38 7.18
CA THR A 50 20.18 9.42 6.56
C THR A 50 19.97 8.13 5.77
N GLU A 51 20.92 7.83 4.92
CA GLU A 51 20.96 6.65 4.09
C GLU A 51 20.95 5.36 4.92
N ASP A 52 21.77 5.34 5.98
CA ASP A 52 21.87 4.18 6.81
C ASP A 52 20.53 3.85 7.48
N GLN A 53 19.84 4.89 7.94
CA GLN A 53 18.54 4.74 8.62
C GLN A 53 17.44 4.31 7.67
N MET A 54 17.38 4.94 6.51
CA MET A 54 16.45 4.54 5.46
C MET A 54 16.62 3.06 5.07
N ALA A 55 17.86 2.60 4.79
CA ALA A 55 18.10 1.18 4.49
C ALA A 55 17.53 0.22 5.57
N SER A 56 17.79 0.54 6.83
CA SER A 56 17.26 -0.25 7.95
C SER A 56 15.75 -0.26 7.96
N VAL A 57 15.17 0.92 7.93
CA VAL A 57 13.70 1.05 7.99
C VAL A 57 12.95 0.37 6.83
N LEU A 58 13.47 0.53 5.62
CA LEU A 58 12.86 -0.05 4.44
C LEU A 58 13.18 -1.53 4.29
N GLN A 59 13.95 -2.08 5.23
CA GLN A 59 14.29 -3.51 5.29
C GLN A 59 15.23 -4.06 4.21
N PHE A 60 15.95 -3.15 3.56
CA PHE A 60 17.03 -3.54 2.64
C PHE A 60 18.17 -4.32 3.36
N ASN A 61 18.45 -4.06 4.62
CA ASN A 61 19.49 -4.82 5.37
C ASN A 61 19.10 -6.22 5.86
N GLU A 62 17.85 -6.64 5.61
CA GLU A 62 17.35 -7.95 6.08
C GLU A 62 17.63 -9.04 5.09
N ASP A 68 23.19 -4.74 -2.09
CA ASP A 68 23.62 -3.52 -2.77
C ASP A 68 23.14 -3.45 -4.23
N LYS A 69 22.01 -4.14 -4.52
CA LYS A 69 21.34 -4.13 -5.87
C LYS A 69 19.81 -3.86 -5.72
N ILE A 70 19.54 -2.94 -4.81
CA ILE A 70 18.20 -2.55 -4.46
C ILE A 70 17.47 -1.94 -5.65
N HIS A 71 18.09 -1.05 -6.42
CA HIS A 71 17.38 -0.34 -7.48
C HIS A 71 17.03 -1.20 -8.65
N SER A 72 17.96 -2.10 -8.99
CA SER A 72 17.70 -3.16 -9.93
C SER A 72 16.53 -4.07 -9.57
N SER A 73 16.42 -4.47 -8.30
CA SER A 73 15.28 -5.21 -7.81
C SER A 73 13.99 -4.42 -8.03
N PHE A 74 13.96 -3.13 -7.67
CA PHE A 74 12.72 -2.34 -7.89
C PHE A 74 12.29 -2.31 -9.36
N ARG A 75 13.24 -2.09 -10.28
CA ARG A 75 12.93 -2.08 -11.70
C ARG A 75 12.34 -3.40 -12.17
N SER A 76 12.94 -4.50 -11.75
CA SER A 76 12.50 -5.85 -12.11
CA SER A 76 12.49 -5.83 -12.14
C SER A 76 11.11 -6.18 -11.56
N LEU A 77 10.89 -5.83 -10.29
CA LEU A 77 9.57 -5.98 -9.63
C LEU A 77 8.53 -5.15 -10.34
N SER A 78 8.87 -3.89 -10.59
CA SER A 78 7.99 -2.99 -11.32
C SER A 78 7.62 -3.50 -12.75
N SER A 79 8.59 -4.01 -13.50
CA SER A 79 8.32 -4.60 -14.82
C SER A 79 7.28 -5.71 -14.69
N ALA A 80 7.45 -6.56 -13.67
CA ALA A 80 6.56 -7.69 -13.44
C ALA A 80 5.10 -7.26 -13.12
N ILE A 81 4.97 -6.27 -12.25
CA ILE A 81 3.68 -5.69 -11.87
C ILE A 81 2.99 -5.00 -13.05
N ASN A 82 3.77 -4.36 -13.92
CA ASN A 82 3.26 -3.68 -15.09
C ASN A 82 3.06 -4.57 -16.33
N ALA A 83 3.48 -5.82 -16.24
CA ALA A 83 3.41 -6.76 -17.36
C ALA A 83 1.98 -6.83 -17.94
N SER A 84 1.84 -6.70 -19.28
CA SER A 84 0.52 -6.76 -19.94
C SER A 84 -0.13 -8.12 -19.64
N THR A 85 -1.39 -8.05 -19.22
CA THR A 85 -2.23 -9.22 -19.13
C THR A 85 -3.56 -8.76 -19.67
N GLY A 86 -4.32 -9.68 -20.19
CA GLY A 86 -5.69 -9.36 -20.50
C GLY A 86 -6.62 -9.53 -19.30
N ASN A 87 -6.09 -9.93 -18.14
CA ASN A 87 -6.90 -10.37 -17.00
C ASN A 87 -7.38 -9.26 -16.04
N TYR A 88 -6.69 -8.13 -16.07
CA TYR A 88 -6.92 -6.99 -15.18
C TYR A 88 -6.10 -5.81 -15.67
N LEU A 89 -6.45 -4.62 -15.17
CA LEU A 89 -5.68 -3.41 -15.35
C LEU A 89 -4.86 -3.24 -14.10
N LEU A 90 -3.55 -3.16 -14.28
CA LEU A 90 -2.64 -2.95 -13.17
C LEU A 90 -1.45 -2.16 -13.65
N GLU A 91 -1.25 -0.99 -13.05
CA GLU A 91 -0.20 -0.09 -13.46
C GLU A 91 0.43 0.58 -12.24
N SER A 92 1.76 0.59 -12.22
CA SER A 92 2.56 1.36 -11.24
C SER A 92 3.51 2.33 -12.00
N VAL A 93 3.42 3.61 -11.68
CA VAL A 93 4.25 4.59 -12.35
C VAL A 93 4.84 5.58 -11.38
N ASN A 94 6.13 5.87 -11.59
CA ASN A 94 6.88 6.83 -10.80
C ASN A 94 7.09 8.12 -11.54
N LYS A 95 7.21 9.19 -10.79
CA LYS A 95 7.35 10.53 -11.37
C LYS A 95 8.15 11.43 -10.45
N LEU A 96 9.08 12.16 -11.05
CA LEU A 96 9.93 13.16 -10.38
C LEU A 96 9.57 14.56 -10.96
N PHE A 97 9.12 15.44 -10.06
CA PHE A 97 8.86 16.87 -10.34
C PHE A 97 9.93 17.71 -9.63
N GLY A 98 10.70 18.48 -10.39
CA GLY A 98 11.77 19.26 -9.84
C GLY A 98 11.64 20.75 -10.06
N GLU A 99 12.04 21.54 -9.06
CA GLU A 99 12.16 23.02 -9.24
C GLU A 99 13.05 23.35 -10.45
N LYS A 100 12.50 24.16 -11.37
CA LYS A 100 13.14 24.43 -12.67
C LYS A 100 14.47 25.15 -12.56
N SER A 101 14.68 25.89 -11.48
CA SER A 101 15.90 26.67 -11.28
C SER A 101 16.98 25.95 -10.45
N ALA A 102 16.66 24.74 -9.96
CA ALA A 102 17.58 24.00 -9.09
C ALA A 102 18.50 23.15 -9.93
N SER A 103 19.67 22.81 -9.42
CA SER A 103 20.58 21.96 -10.20
C SER A 103 20.87 20.71 -9.39
N PHE A 104 20.27 19.61 -9.84
CA PHE A 104 20.39 18.36 -9.14
C PHE A 104 21.58 17.57 -9.73
N ARG A 105 22.07 16.58 -8.99
CA ARG A 105 23.18 15.74 -9.44
C ARG A 105 22.74 15.00 -10.73
N GLU A 106 23.57 15.09 -11.77
CA GLU A 106 23.23 14.43 -13.04
C GLU A 106 23.14 12.93 -12.87
N GLU A 107 24.03 12.34 -12.07
CA GLU A 107 23.96 10.95 -11.78
C GLU A 107 22.65 10.57 -11.09
N TYR A 108 22.16 11.39 -10.15
CA TYR A 108 20.84 11.09 -9.51
C TYR A 108 19.69 11.08 -10.56
N ILE A 109 19.56 12.15 -11.35
CA ILE A 109 18.54 12.23 -12.40
C ILE A 109 18.63 11.06 -13.37
N ARG A 110 19.83 10.73 -13.86
CA ARG A 110 20.07 9.57 -14.72
C ARG A 110 19.65 8.26 -14.10
N LEU A 111 20.12 7.99 -12.85
CA LEU A 111 19.88 6.69 -12.21
C LEU A 111 18.41 6.55 -11.81
N CYS A 112 17.80 7.65 -11.39
CA CYS A 112 16.39 7.62 -11.08
C CYS A 112 15.53 7.25 -12.30
N GLN A 113 15.77 7.90 -13.41
CA GLN A 113 15.11 7.49 -14.70
C GLN A 113 15.38 6.01 -15.07
N LYS A 114 16.63 5.57 -14.94
CA LYS A 114 17.05 4.20 -15.31
C LYS A 114 16.31 3.17 -14.50
N TYR A 115 16.34 3.32 -13.16
CA TYR A 115 15.71 2.33 -12.28
C TYR A 115 14.20 2.51 -11.92
N TYR A 116 13.69 3.74 -11.98
CA TYR A 116 12.30 4.05 -11.60
C TYR A 116 11.43 4.58 -12.76
N SER A 117 12.04 4.78 -13.94
CA SER A 117 11.31 5.42 -15.04
C SER A 117 10.44 6.66 -14.61
N SER A 118 11.04 7.58 -13.86
CA SER A 118 10.32 8.69 -13.25
C SER A 118 10.19 9.94 -14.12
N GLU A 119 10.69 9.85 -15.35
CA GLU A 119 10.58 10.92 -16.36
C GLU A 119 10.70 12.33 -15.76
N PRO A 120 11.88 12.66 -15.19
CA PRO A 120 12.04 13.93 -14.45
C PRO A 120 11.55 15.16 -15.22
N GLN A 121 10.81 16.01 -14.53
CA GLN A 121 10.15 17.13 -15.14
C GLN A 121 10.31 18.37 -14.28
N ALA A 122 10.67 19.47 -14.94
CA ALA A 122 10.80 20.78 -14.31
C ALA A 122 9.47 21.47 -14.11
N VAL A 123 9.32 22.05 -12.92
CA VAL A 123 8.12 22.83 -12.54
C VAL A 123 8.62 24.02 -11.67
N ASP A 124 7.75 25.01 -11.43
CA ASP A 124 8.11 26.27 -10.76
C ASP A 124 7.52 26.33 -9.35
N PHE A 125 8.14 25.59 -8.44
CA PHE A 125 7.82 25.65 -7.04
C PHE A 125 8.19 27.03 -6.48
N LEU A 126 9.32 27.55 -6.96
CA LEU A 126 9.93 28.74 -6.39
C LEU A 126 8.92 29.91 -6.45
N GLU A 127 8.31 30.13 -7.60
CA GLU A 127 7.38 31.25 -7.79
C GLU A 127 5.92 30.88 -7.95
N CYS A 128 5.64 29.67 -8.47
CA CYS A 128 4.27 29.22 -8.65
C CYS A 128 3.97 27.87 -7.96
N ALA A 129 4.23 27.80 -6.65
CA ALA A 129 4.07 26.53 -5.91
C ALA A 129 2.66 25.96 -6.00
N GLU A 130 1.65 26.83 -5.93
CA GLU A 130 0.28 26.35 -5.97
C GLU A 130 -0.12 25.74 -7.31
N GLU A 131 0.35 26.32 -8.40
CA GLU A 131 0.18 25.76 -9.74
C GLU A 131 0.89 24.41 -9.89
N ALA A 132 2.12 24.34 -9.38
CA ALA A 132 2.85 23.08 -9.37
C ALA A 132 2.06 22.02 -8.56
N ARG A 133 1.59 22.34 -7.36
CA ARG A 133 0.73 21.41 -6.58
C ARG A 133 -0.40 20.87 -7.42
N LYS A 134 -1.05 21.78 -8.15
CA LYS A 134 -2.17 21.42 -9.01
C LYS A 134 -1.77 20.50 -10.16
N LYS A 135 -0.66 20.82 -10.81
CA LYS A 135 -0.12 20.01 -11.90
C LYS A 135 0.20 18.57 -11.42
N ILE A 136 0.91 18.51 -10.30
CA ILE A 136 1.24 17.21 -9.70
C ILE A 136 -0.05 16.40 -9.41
N ASN A 137 -1.04 17.04 -8.77
CA ASN A 137 -2.27 16.33 -8.37
C ASN A 137 -3.00 15.83 -9.59
N SER A 138 -2.95 16.66 -10.65
CA SER A 138 -3.64 16.36 -11.88
C SER A 138 -3.01 15.12 -12.57
N TRP A 139 -1.65 15.06 -12.53
CA TRP A 139 -0.88 13.89 -13.02
C TRP A 139 -1.30 12.61 -12.30
N VAL A 140 -1.36 12.68 -10.97
CA VAL A 140 -1.74 11.49 -10.22
C VAL A 140 -3.20 11.11 -10.53
N LYS A 141 -4.04 12.13 -10.64
CA LYS A 141 -5.42 11.92 -10.95
C LYS A 141 -5.55 11.07 -12.25
N THR A 142 -4.81 11.46 -13.28
CA THR A 142 -4.82 10.75 -14.56
C THR A 142 -4.31 9.33 -14.42
N GLN A 143 -3.18 9.15 -13.73
CA GLN A 143 -2.59 7.83 -13.57
C GLN A 143 -3.53 6.87 -12.84
N THR A 144 -4.34 7.41 -11.95
CA THR A 144 -5.29 6.60 -11.14
C THR A 144 -6.73 6.58 -11.67
N LYS A 145 -6.89 7.03 -12.90
CA LYS A 145 -8.17 7.02 -13.59
C LYS A 145 -9.22 7.82 -12.81
N GLY A 146 -8.83 8.94 -12.19
CA GLY A 146 -9.75 9.77 -11.41
C GLY A 146 -9.94 9.42 -9.94
N LYS A 147 -9.39 8.29 -9.51
CA LYS A 147 -9.63 7.74 -8.20
C LYS A 147 -8.88 8.43 -7.04
N ILE A 148 -7.73 9.06 -7.38
CA ILE A 148 -6.89 9.81 -6.42
C ILE A 148 -6.69 11.24 -6.97
N PRO A 149 -7.72 12.11 -6.78
CA PRO A 149 -7.73 13.44 -7.43
C PRO A 149 -6.90 14.54 -6.82
N ASN A 150 -6.68 14.50 -5.51
CA ASN A 150 -5.97 15.58 -4.88
C ASN A 150 -4.97 15.00 -3.90
N LEU A 151 -3.98 14.30 -4.41
CA LEU A 151 -2.95 13.77 -3.52
C LEU A 151 -2.33 14.71 -2.45
N LEU A 152 -1.78 15.83 -2.92
CA LEU A 152 -1.07 16.78 -2.11
C LEU A 152 -2.08 17.85 -1.61
N PRO A 153 -2.28 17.91 -0.28
CA PRO A 153 -3.20 18.88 0.29
C PRO A 153 -2.66 20.29 0.24
N GLU A 154 -3.58 21.20 0.49
CA GLU A 154 -3.25 22.60 0.47
C GLU A 154 -2.16 22.83 1.52
N GLY A 155 -1.18 23.66 1.18
CA GLY A 155 -0.05 23.93 2.10
C GLY A 155 1.13 22.96 2.04
N SER A 156 0.98 21.89 1.26
CA SER A 156 2.00 20.80 1.21
C SER A 156 3.25 21.11 0.37
N VAL A 157 3.09 22.06 -0.55
CA VAL A 157 4.16 22.52 -1.43
C VAL A 157 4.26 24.04 -1.29
N ASP A 158 5.48 24.56 -1.36
CA ASP A 158 5.69 25.99 -1.20
C ASP A 158 6.94 26.41 -1.96
N GLY A 159 7.31 27.69 -1.84
CA GLY A 159 8.44 28.23 -2.54
C GLY A 159 9.78 27.66 -2.16
N ASP A 160 9.84 26.92 -1.05
CA ASP A 160 11.02 26.19 -0.63
C ASP A 160 11.07 24.75 -1.16
N THR A 161 10.00 24.25 -1.74
CA THR A 161 9.96 22.89 -2.27
C THR A 161 10.97 22.81 -3.43
N ARG A 162 11.77 21.74 -3.45
CA ARG A 162 12.70 21.54 -4.56
C ARG A 162 12.41 20.31 -5.43
N MET A 163 11.77 19.29 -4.87
CA MET A 163 11.47 18.09 -5.62
C MET A 163 10.31 17.39 -4.94
N VAL A 164 9.41 16.82 -5.73
CA VAL A 164 8.39 15.92 -5.24
C VAL A 164 8.56 14.60 -5.99
N LEU A 165 8.81 13.53 -5.23
CA LEU A 165 8.93 12.14 -5.77
C LEU A 165 7.59 11.44 -5.59
N VAL A 166 7.03 10.96 -6.72
CA VAL A 166 5.69 10.41 -6.76
C VAL A 166 5.65 8.97 -7.30
N ASN A 167 4.83 8.13 -6.65
CA ASN A 167 4.35 6.89 -7.24
C ASN A 167 2.83 6.86 -7.28
N ALA A 168 2.28 6.36 -8.37
CA ALA A 168 0.84 6.12 -8.51
C ALA A 168 0.65 4.69 -8.91
N VAL A 169 -0.36 4.08 -8.31
CA VAL A 169 -0.67 2.69 -8.56
C VAL A 169 -2.20 2.58 -8.83
N TYR A 170 -2.54 1.77 -9.83
CA TYR A 170 -3.92 1.58 -10.22
C TYR A 170 -4.17 0.14 -10.52
N PHE A 171 -5.27 -0.38 -9.97
CA PHE A 171 -5.68 -1.78 -10.16
C PHE A 171 -7.20 -1.88 -10.37
N LYS A 172 -7.63 -2.60 -11.40
CA LYS A 172 -9.03 -2.93 -11.56
C LYS A 172 -9.12 -4.37 -12.05
N GLY A 173 -9.73 -5.23 -11.24
CA GLY A 173 -9.87 -6.65 -11.58
C GLY A 173 -11.25 -7.18 -11.26
N LYS A 174 -11.59 -8.30 -11.86
CA LYS A 174 -12.87 -8.95 -11.60
C LYS A 174 -12.52 -10.21 -10.87
N TRP A 175 -13.41 -10.66 -10.01
CA TRP A 175 -13.20 -11.89 -9.33
C TRP A 175 -13.21 -13.04 -10.35
N LYS A 176 -12.45 -14.08 -10.05
CA LYS A 176 -12.46 -15.28 -10.87
C LYS A 176 -13.90 -15.84 -10.88
N THR A 177 -14.58 -15.80 -9.73
CA THR A 177 -15.99 -16.20 -9.60
C THR A 177 -16.77 -15.06 -8.99
N PRO A 178 -17.83 -14.59 -9.69
CA PRO A 178 -18.57 -13.45 -9.19
C PRO A 178 -19.26 -13.80 -7.91
N PHE A 179 -19.54 -12.78 -7.11
CA PHE A 179 -20.38 -12.92 -5.92
C PHE A 179 -21.85 -12.69 -6.32
N GLU A 180 -22.74 -13.31 -5.56
CA GLU A 180 -24.15 -12.88 -5.53
C GLU A 180 -24.32 -11.75 -4.48
N LYS A 181 -24.87 -10.61 -4.87
CA LYS A 181 -25.36 -9.61 -3.92
C LYS A 181 -26.61 -10.15 -3.23
N LYS A 182 -26.53 -10.37 -1.93
CA LYS A 182 -27.70 -10.79 -1.13
C LYS A 182 -28.79 -9.67 -1.06
N LEU A 183 -29.76 -9.71 -1.97
CA LEU A 183 -30.84 -8.70 -1.96
C LEU A 183 -32.14 -9.33 -1.46
N LEU A 186 -29.11 -7.25 3.89
CA LEU A 186 -28.20 -6.63 4.87
C LEU A 186 -28.08 -7.48 6.10
N PHE A 187 -26.87 -7.52 6.64
CA PHE A 187 -26.57 -8.37 7.77
C PHE A 187 -25.94 -7.39 8.78
N PRO A 188 -26.15 -7.62 10.08
CA PRO A 188 -25.44 -6.86 11.11
C PRO A 188 -23.94 -7.15 11.05
N PHE A 189 -23.16 -6.10 11.01
CA PHE A 189 -21.73 -6.23 11.11
C PHE A 189 -21.33 -5.80 12.52
N ARG A 190 -20.65 -6.65 13.24
CA ARG A 190 -20.21 -6.31 14.57
C ARG A 190 -18.99 -5.39 14.57
N VAL A 191 -19.21 -4.11 14.89
CA VAL A 191 -18.13 -3.10 14.85
C VAL A 191 -17.27 -3.22 16.14
N ASN A 192 -17.96 -3.31 17.27
CA ASN A 192 -17.33 -3.54 18.59
C ASN A 192 -18.38 -4.09 19.55
N SER A 193 -18.01 -4.31 20.79
CA SER A 193 -18.90 -4.97 21.73
C SER A 193 -20.19 -4.13 22.06
N ALA A 194 -20.20 -2.84 21.74
CA ALA A 194 -21.37 -1.94 21.92
C ALA A 194 -22.11 -1.47 20.63
N GLN A 195 -21.71 -1.98 19.44
CA GLN A 195 -22.17 -1.47 18.19
C GLN A 195 -22.19 -2.53 17.08
N ARG A 196 -23.35 -2.61 16.44
CA ARG A 196 -23.53 -3.36 15.18
C ARG A 196 -24.12 -2.42 14.12
N THR A 197 -23.66 -2.55 12.89
CA THR A 197 -24.07 -1.71 11.82
C THR A 197 -24.50 -2.60 10.67
N PRO A 198 -25.63 -2.29 10.02
CA PRO A 198 -26.01 -3.15 8.88
C PRO A 198 -25.12 -2.96 7.66
N VAL A 199 -24.73 -4.07 7.04
CA VAL A 199 -23.99 -4.03 5.77
C VAL A 199 -24.54 -4.93 4.68
N GLN A 200 -24.28 -4.52 3.45
CA GLN A 200 -24.67 -5.24 2.27
C GLN A 200 -23.67 -6.40 2.12
N MET A 201 -24.16 -7.64 2.23
CA MET A 201 -23.31 -8.78 2.09
C MET A 201 -23.34 -9.35 0.65
N MET A 202 -22.20 -9.94 0.29
CA MET A 202 -22.02 -10.71 -0.97
C MET A 202 -21.68 -12.13 -0.63
N TYR A 203 -22.28 -13.06 -1.36
CA TYR A 203 -22.21 -14.46 -1.02
C TYR A 203 -21.65 -15.25 -2.21
N LEU A 204 -20.87 -16.25 -1.88
CA LEU A 204 -20.28 -17.10 -2.88
C LEU A 204 -20.08 -18.44 -2.26
N ARG A 205 -20.40 -19.51 -3.00
CA ARG A 205 -20.02 -20.86 -2.63
C ARG A 205 -19.11 -21.37 -3.74
N GLU A 206 -17.89 -21.72 -3.38
CA GLU A 206 -16.87 -22.02 -4.38
C GLU A 206 -15.71 -22.78 -3.79
N LYS A 207 -15.03 -23.50 -4.68
CA LYS A 207 -13.78 -24.16 -4.39
C LYS A 207 -12.66 -23.13 -4.22
N LEU A 208 -12.17 -22.96 -2.98
CA LEU A 208 -11.26 -21.88 -2.60
C LEU A 208 -10.26 -22.40 -1.58
N ASN A 209 -9.07 -21.76 -1.55
CA ASN A 209 -8.05 -22.04 -0.54
C ASN A 209 -8.44 -21.34 0.77
N ILE A 210 -8.45 -22.10 1.85
CA ILE A 210 -8.88 -21.65 3.18
C ILE A 210 -8.03 -22.39 4.19
N GLY A 211 -7.62 -21.69 5.22
CA GLY A 211 -6.82 -22.29 6.29
C GLY A 211 -7.07 -21.55 7.59
N TYR A 212 -6.31 -21.93 8.61
CA TYR A 212 -6.41 -21.32 9.89
C TYR A 212 -5.00 -21.18 10.45
N ILE A 213 -4.68 -19.97 10.88
CA ILE A 213 -3.37 -19.65 11.42
C ILE A 213 -3.47 -19.67 12.94
N GLU A 214 -3.07 -20.78 13.55
CA GLU A 214 -3.33 -20.94 14.97
C GLU A 214 -2.61 -19.86 15.78
N ASP A 215 -1.38 -19.49 15.39
CA ASP A 215 -0.59 -18.46 16.12
C ASP A 215 -1.29 -17.11 16.18
N LEU A 216 -2.17 -16.87 15.22
CA LEU A 216 -2.88 -15.60 15.11
C LEU A 216 -4.36 -15.77 15.39
N LYS A 217 -4.77 -16.99 15.73
CA LYS A 217 -6.19 -17.33 15.92
C LYS A 217 -7.14 -16.74 14.87
N ALA A 218 -6.82 -16.95 13.60
CA ALA A 218 -7.55 -16.33 12.53
C ALA A 218 -7.73 -17.29 11.35
N GLN A 219 -8.90 -17.26 10.75
CA GLN A 219 -9.08 -17.89 9.48
C GLN A 219 -8.39 -17.05 8.40
N ILE A 220 -7.86 -17.73 7.41
CA ILE A 220 -7.36 -17.08 6.21
C ILE A 220 -8.00 -17.69 4.95
N LEU A 221 -8.47 -16.79 4.09
CA LEU A 221 -9.13 -17.11 2.86
C LEU A 221 -8.46 -16.40 1.67
N GLU A 222 -8.32 -17.12 0.56
CA GLU A 222 -7.83 -16.53 -0.70
C GLU A 222 -8.99 -16.39 -1.70
N LEU A 223 -9.26 -15.17 -2.14
CA LEU A 223 -10.18 -14.89 -3.19
C LEU A 223 -9.38 -14.42 -4.42
N PRO A 224 -9.25 -15.28 -5.46
CA PRO A 224 -8.52 -14.90 -6.65
C PRO A 224 -9.34 -14.03 -7.57
N TYR A 225 -8.65 -13.05 -8.12
CA TYR A 225 -9.08 -12.36 -9.28
C TYR A 225 -8.78 -13.27 -10.48
N ALA A 226 -9.34 -12.91 -11.62
CA ALA A 226 -8.93 -13.46 -12.91
C ALA A 226 -7.46 -13.03 -13.03
N GLY A 227 -6.59 -13.96 -13.39
CA GLY A 227 -5.17 -13.65 -13.40
C GLY A 227 -4.48 -13.90 -12.07
N ASP A 228 -3.21 -13.54 -12.01
CA ASP A 228 -2.37 -13.90 -10.87
C ASP A 228 -2.29 -12.83 -9.79
N VAL A 229 -3.45 -12.27 -9.48
CA VAL A 229 -3.60 -11.38 -8.32
C VAL A 229 -4.73 -11.99 -7.46
N SER A 230 -4.55 -12.01 -6.12
CA SER A 230 -5.57 -12.48 -5.22
C SER A 230 -5.73 -11.49 -4.05
N MET A 231 -6.90 -11.52 -3.45
CA MET A 231 -7.08 -10.92 -2.12
C MET A 231 -7.06 -11.99 -1.03
N PHE A 232 -6.25 -11.80 0.00
CA PHE A 232 -6.23 -12.64 1.16
C PHE A 232 -6.91 -11.93 2.31
N LEU A 233 -7.80 -12.65 2.98
CA LEU A 233 -8.55 -12.11 4.14
C LEU A 233 -8.24 -12.87 5.41
N LEU A 234 -8.00 -12.13 6.50
CA LEU A 234 -7.63 -12.68 7.81
C LEU A 234 -8.69 -12.22 8.79
N LEU A 235 -9.41 -13.19 9.30
CA LEU A 235 -10.63 -13.00 10.08
C LEU A 235 -10.46 -13.65 11.43
N PRO A 236 -10.28 -12.84 12.49
CA PRO A 236 -10.16 -13.49 13.80
C PRO A 236 -11.37 -14.38 14.16
N ASP A 237 -11.13 -15.36 14.99
CA ASP A 237 -12.29 -16.04 15.56
C ASP A 237 -12.20 -15.93 17.06
N ALA A 240 -12.37 -12.26 21.42
CA ALA A 240 -11.01 -11.69 21.42
C ALA A 240 -10.85 -10.46 22.32
N ASP A 241 -11.35 -9.31 21.87
CA ASP A 241 -11.36 -8.15 22.70
C ASP A 241 -12.80 -7.57 22.60
N VAL A 242 -13.09 -6.56 23.43
CA VAL A 242 -14.36 -5.81 23.38
C VAL A 242 -14.38 -4.65 22.36
N SER A 243 -13.28 -4.53 21.63
CA SER A 243 -13.16 -3.50 20.62
C SER A 243 -13.35 -4.18 19.24
N THR A 244 -12.38 -4.10 18.36
CA THR A 244 -12.55 -4.67 17.00
C THR A 244 -12.34 -6.20 16.89
N GLY A 245 -11.67 -6.79 17.88
CA GLY A 245 -11.36 -8.24 17.88
C GLY A 245 -10.04 -8.53 17.18
N LEU A 246 -9.42 -7.47 16.65
CA LEU A 246 -8.15 -7.56 15.89
C LEU A 246 -6.85 -7.41 16.66
N GLU A 247 -6.91 -7.19 17.98
CA GLU A 247 -5.68 -6.80 18.74
C GLU A 247 -4.58 -7.84 18.64
N LEU A 248 -4.98 -9.10 18.85
CA LEU A 248 -4.05 -10.22 18.78
C LEU A 248 -3.43 -10.38 17.40
N LEU A 249 -4.29 -10.39 16.38
CA LEU A 249 -3.85 -10.55 15.03
C LEU A 249 -2.84 -9.46 14.64
N GLU A 250 -3.23 -8.20 14.89
CA GLU A 250 -2.41 -7.09 14.52
C GLU A 250 -1.08 -7.07 15.25
N SER A 251 -1.05 -7.43 16.51
CA SER A 251 0.21 -7.36 17.21
C SER A 251 1.15 -8.55 16.94
N GLU A 252 0.60 -9.72 16.62
CA GLU A 252 1.39 -10.94 16.45
C GLU A 252 1.72 -11.28 15.00
N ILE A 253 1.04 -10.69 14.03
CA ILE A 253 1.35 -10.96 12.64
C ILE A 253 2.81 -10.63 12.35
N THR A 254 3.44 -11.55 11.61
CA THR A 254 4.78 -11.36 11.09
C THR A 254 4.92 -11.93 9.69
N TYR A 255 6.04 -11.59 9.06
CA TYR A 255 6.34 -12.08 7.74
C TYR A 255 6.33 -13.60 7.71
N ASP A 256 7.06 -14.21 8.64
CA ASP A 256 7.18 -15.67 8.72
C ASP A 256 5.79 -16.31 8.84
N LYS A 257 5.00 -15.78 9.77
CA LYS A 257 3.64 -16.31 10.03
C LYS A 257 2.73 -16.19 8.82
N LEU A 258 2.80 -15.08 8.11
CA LEU A 258 1.93 -14.79 6.99
C LEU A 258 2.38 -15.52 5.72
N ASN A 259 3.66 -15.43 5.42
CA ASN A 259 4.20 -15.94 4.15
C ASN A 259 3.96 -17.45 3.98
N LYS A 260 4.06 -18.19 5.09
CA LYS A 260 3.81 -19.62 5.20
C LYS A 260 2.44 -19.92 4.65
N TRP A 261 1.46 -19.06 4.97
CA TRP A 261 0.08 -19.24 4.50
C TRP A 261 -0.32 -18.63 3.18
N THR A 262 0.37 -17.58 2.71
CA THR A 262 -0.04 -16.95 1.46
C THR A 262 0.69 -17.52 0.23
N SER A 263 1.87 -18.06 0.48
CA SER A 263 2.84 -18.18 -0.62
C SER A 263 3.44 -19.56 -0.66
N LYS A 264 3.38 -20.25 0.45
CA LYS A 264 3.65 -21.66 0.49
C LYS A 264 2.24 -22.31 0.25
N ASP A 265 2.05 -23.54 0.71
CA ASP A 265 0.83 -24.29 0.35
C ASP A 265 0.11 -24.81 1.59
N LYS A 266 0.17 -24.04 2.67
CA LYS A 266 -0.48 -24.49 3.89
C LYS A 266 -2.02 -24.52 3.75
N MET A 267 -2.55 -23.70 2.83
CA MET A 267 -3.98 -23.71 2.53
C MET A 267 -4.35 -24.91 1.61
N ALA A 268 -5.50 -25.51 1.89
CA ALA A 268 -6.06 -26.57 1.06
C ALA A 268 -7.34 -26.05 0.47
N GLU A 269 -7.62 -26.48 -0.76
CA GLU A 269 -8.82 -26.10 -1.43
C GLU A 269 -10.02 -26.86 -0.83
N ASP A 270 -11.13 -26.18 -0.62
CA ASP A 270 -12.37 -26.86 -0.17
C ASP A 270 -13.54 -26.08 -0.72
N GLU A 271 -14.76 -26.64 -0.66
CA GLU A 271 -15.90 -25.90 -1.05
C GLU A 271 -16.22 -24.94 0.10
N VAL A 272 -16.19 -23.62 -0.16
CA VAL A 272 -16.38 -22.65 0.93
C VAL A 272 -17.56 -21.79 0.69
N GLU A 273 -18.39 -21.59 1.73
CA GLU A 273 -19.40 -20.59 1.67
C GLU A 273 -18.82 -19.31 2.32
N VAL A 274 -18.81 -18.27 1.52
CA VAL A 274 -18.14 -17.01 1.81
C VAL A 274 -19.18 -15.89 1.86
N TYR A 275 -19.15 -15.13 2.97
CA TYR A 275 -19.95 -13.95 3.06
C TYR A 275 -19.00 -12.79 3.36
N ILE A 276 -18.89 -11.84 2.43
CA ILE A 276 -18.10 -10.67 2.69
C ILE A 276 -18.90 -9.39 2.41
N PRO A 277 -18.60 -8.31 3.12
CA PRO A 277 -19.29 -7.07 2.78
C PRO A 277 -18.84 -6.47 1.44
N GLN A 278 -19.79 -5.75 0.83
CA GLN A 278 -19.50 -4.83 -0.25
C GLN A 278 -19.03 -3.59 0.49
N PHE A 279 -17.87 -3.07 0.12
CA PHE A 279 -17.36 -1.90 0.77
C PHE A 279 -16.40 -1.09 -0.08
N LYS A 280 -16.24 0.16 0.35
CA LYS A 280 -15.41 1.13 -0.32
C LYS A 280 -14.71 1.97 0.77
N LEU A 281 -13.39 2.15 0.65
CA LEU A 281 -12.63 2.97 1.61
C LEU A 281 -11.86 4.02 0.82
N GLU A 282 -11.62 5.16 1.44
CA GLU A 282 -10.70 6.19 0.92
C GLU A 282 -10.04 6.80 2.12
N GLU A 283 -8.72 6.71 2.16
CA GLU A 283 -7.97 7.09 3.34
C GLU A 283 -6.76 7.95 2.90
N HIS A 284 -6.45 8.98 3.67
CA HIS A 284 -5.32 9.87 3.42
C HIS A 284 -4.45 9.80 4.67
N TYR A 285 -3.15 9.70 4.45
CA TYR A 285 -2.16 9.70 5.56
C TYR A 285 -1.00 10.70 5.31
N GLU A 286 -0.36 11.17 6.38
CA GLU A 286 0.83 11.98 6.30
C GLU A 286 1.81 11.20 7.17
N LEU A 287 2.79 10.59 6.53
CA LEU A 287 3.63 9.56 7.15
C LEU A 287 4.88 9.96 7.88
N ARG A 288 5.21 11.23 7.91
CA ARG A 288 6.43 11.66 8.62
C ARG A 288 6.50 11.10 10.06
N SER A 289 5.44 11.28 10.84
CA SER A 289 5.47 10.85 12.25
CA SER A 289 5.37 10.81 12.24
C SER A 289 5.67 9.33 12.35
N ILE A 290 5.03 8.55 11.47
CA ILE A 290 5.08 7.10 11.45
C ILE A 290 6.51 6.66 11.10
N LEU A 291 7.01 7.23 10.01
CA LEU A 291 8.35 6.93 9.54
C LEU A 291 9.47 7.27 10.54
N ARG A 292 9.37 8.44 11.19
CA ARG A 292 10.23 8.81 12.29
C ARG A 292 10.18 7.78 13.40
N SER A 293 8.96 7.41 13.82
CA SER A 293 8.79 6.39 14.84
C SER A 293 9.41 5.01 14.48
N MET A 294 9.38 4.64 13.18
CA MET A 294 10.07 3.44 12.69
C MET A 294 11.60 3.48 12.66
N GLY A 295 12.18 4.68 12.75
CA GLY A 295 13.66 4.83 12.81
C GLY A 295 14.25 5.74 11.77
N MET A 296 13.39 6.30 10.94
CA MET A 296 13.84 7.16 9.86
C MET A 296 13.80 8.62 10.30
N GLU A 297 14.77 9.02 11.11
CA GLU A 297 14.75 10.32 11.77
C GLU A 297 15.50 11.37 10.98
N ASP A 298 16.73 11.07 10.58
CA ASP A 298 17.58 12.09 9.94
C ASP A 298 16.97 12.62 8.66
N ALA A 299 16.27 11.75 7.88
CA ALA A 299 15.66 12.21 6.61
C ALA A 299 14.78 13.44 6.80
N PHE A 300 13.99 13.42 7.86
CA PHE A 300 12.98 14.46 8.12
C PHE A 300 13.50 15.63 9.01
N ASN A 301 14.78 15.59 9.35
CA ASN A 301 15.41 16.58 10.26
C ASN A 301 16.12 17.65 9.46
N LYS A 302 15.50 18.84 9.44
CA LYS A 302 15.98 19.93 8.60
C LYS A 302 17.46 20.20 8.75
N GLY A 303 18.03 20.06 9.94
CA GLY A 303 19.46 20.26 10.10
C GLY A 303 20.37 19.05 9.94
N ARG A 304 19.86 17.83 10.11
CA ARG A 304 20.66 16.64 10.05
C ARG A 304 20.55 15.84 8.74
N ALA A 305 19.55 16.12 7.91
CA ALA A 305 19.33 15.32 6.70
C ALA A 305 20.52 15.44 5.78
N ASN A 306 20.88 14.34 5.13
CA ASN A 306 21.89 14.35 4.09
C ASN A 306 21.33 13.79 2.82
N PHE A 307 20.94 14.67 1.88
CA PHE A 307 20.52 14.29 0.54
C PHE A 307 21.46 14.78 -0.54
N SER A 308 22.75 14.62 -0.24
CA SER A 308 23.82 15.05 -1.14
C SER A 308 23.88 14.18 -2.41
N GLY A 309 23.26 12.99 -2.40
CA GLY A 309 23.02 12.24 -3.58
C GLY A 309 22.14 12.97 -4.60
N MET A 310 21.12 13.70 -4.13
CA MET A 310 20.24 14.49 -4.99
C MET A 310 20.87 15.83 -5.42
N SER A 311 21.64 16.45 -4.54
CA SER A 311 22.26 17.76 -4.82
C SER A 311 23.58 17.85 -4.09
N GLU A 312 24.68 18.10 -4.79
CA GLU A 312 25.96 18.13 -4.07
C GLU A 312 26.00 19.31 -3.05
N ARG A 313 25.13 20.31 -3.18
CA ARG A 313 25.02 21.37 -2.17
C ARG A 313 24.54 20.88 -0.79
N ASN A 314 24.01 19.66 -0.68
CA ASN A 314 23.54 19.11 0.63
C ASN A 314 22.63 20.11 1.37
N ASP A 315 21.64 20.57 0.64
CA ASP A 315 20.74 21.62 1.08
C ASP A 315 19.29 21.18 0.97
N LEU A 316 19.05 19.89 1.12
CA LEU A 316 17.68 19.33 1.17
C LEU A 316 17.39 18.52 2.40
N PHE A 317 16.08 18.42 2.67
CA PHE A 317 15.51 17.51 3.66
C PHE A 317 14.12 17.09 3.21
N LEU A 318 13.62 16.01 3.81
CA LEU A 318 12.28 15.50 3.47
C LEU A 318 11.29 16.11 4.46
N SER A 319 10.36 16.86 3.91
CA SER A 319 9.42 17.55 4.76
C SER A 319 8.20 16.67 5.18
N GLU A 320 7.67 15.87 4.23
CA GLU A 320 6.51 14.99 4.46
C GLU A 320 6.34 13.98 3.32
N VAL A 321 5.68 12.88 3.63
CA VAL A 321 5.24 11.86 2.65
C VAL A 321 3.71 11.74 2.75
N PHE A 322 3.05 12.19 1.68
CA PHE A 322 1.57 12.17 1.56
C PHE A 322 1.14 10.87 0.85
N HIS A 323 0.28 10.12 1.48
CA HIS A 323 -0.27 8.90 0.86
C HIS A 323 -1.79 9.01 0.79
N GLN A 324 -2.38 8.63 -0.34
CA GLN A 324 -3.83 8.54 -0.47
C GLN A 324 -4.16 7.24 -1.15
N ALA A 325 -5.06 6.46 -0.58
CA ALA A 325 -5.43 5.16 -1.16
C ALA A 325 -6.93 4.90 -1.07
N MET A 326 -7.44 4.20 -2.08
CA MET A 326 -8.85 3.85 -2.11
C MET A 326 -9.05 2.47 -2.68
N VAL A 327 -10.16 1.88 -2.28
CA VAL A 327 -10.55 0.58 -2.77
C VAL A 327 -12.07 0.50 -2.81
N ASP A 328 -12.57 -0.18 -3.84
CA ASP A 328 -14.00 -0.39 -4.06
C ASP A 328 -14.19 -1.86 -4.35
N VAL A 329 -14.75 -2.58 -3.39
CA VAL A 329 -14.89 -4.03 -3.46
C VAL A 329 -16.38 -4.39 -3.73
N ASN A 330 -16.67 -5.07 -4.83
CA ASN A 330 -18.07 -5.42 -5.17
C ASN A 330 -18.15 -6.81 -5.77
N GLU A 331 -19.28 -7.15 -6.39
CA GLU A 331 -19.58 -8.53 -6.77
C GLU A 331 -18.96 -8.97 -8.05
N GLU A 332 -18.50 -8.02 -8.88
CA GLU A 332 -18.17 -8.28 -10.31
C GLU A 332 -17.15 -9.39 -10.57
N GLY A 333 -17.55 -10.33 -11.44
CA GLY A 333 -16.73 -11.48 -11.77
C GLY A 333 -16.69 -11.81 -13.26
N THR A 345 -25.98 -24.27 -7.66
CA THR A 345 -27.44 -24.35 -7.75
C THR A 345 -27.96 -25.65 -7.14
N GLY A 346 -28.84 -25.49 -6.15
CA GLY A 346 -29.48 -26.62 -5.51
C GLY A 346 -28.70 -27.27 -4.38
N ARG A 347 -27.63 -26.61 -3.95
CA ARG A 347 -26.87 -27.04 -2.76
C ARG A 347 -27.50 -26.46 -1.49
N THR A 348 -27.76 -27.36 -0.53
CA THR A 348 -28.48 -27.05 0.74
C THR A 348 -27.78 -27.57 2.02
N GLY A 349 -26.73 -28.39 1.90
CA GLY A 349 -25.92 -28.76 3.07
C GLY A 349 -25.10 -27.56 3.54
N HIS A 350 -24.80 -27.56 4.84
CA HIS A 350 -23.86 -26.57 5.43
C HIS A 350 -22.92 -27.26 6.47
N GLY A 351 -22.32 -28.40 6.08
CA GLY A 351 -21.43 -29.20 6.97
C GLY A 351 -19.99 -28.67 7.00
N GLY A 352 -19.61 -28.04 5.89
CA GLY A 352 -18.26 -27.66 5.65
C GLY A 352 -17.95 -26.23 6.03
N PRO A 353 -16.92 -25.66 5.38
CA PRO A 353 -16.40 -24.40 5.87
C PRO A 353 -17.22 -23.18 5.49
N GLN A 354 -17.24 -22.26 6.43
CA GLN A 354 -17.87 -20.97 6.30
C GLN A 354 -16.79 -19.92 6.54
N PHE A 355 -16.91 -18.81 5.84
CA PHE A 355 -16.07 -17.67 6.09
C PHE A 355 -16.99 -16.49 6.08
N VAL A 356 -17.41 -16.11 7.29
CA VAL A 356 -18.45 -15.10 7.45
C VAL A 356 -17.81 -13.83 8.04
N ALA A 357 -17.51 -12.87 7.14
CA ALA A 357 -16.78 -11.66 7.50
C ALA A 357 -17.79 -10.57 7.93
N ASP A 358 -18.45 -10.85 9.04
CA ASP A 358 -19.41 -9.91 9.71
C ASP A 358 -18.81 -9.26 10.97
N HIS A 359 -17.49 -9.22 11.02
CA HIS A 359 -16.76 -8.54 12.07
C HIS A 359 -15.38 -8.13 11.52
N PRO A 360 -14.66 -7.22 12.22
CA PRO A 360 -13.47 -6.70 11.54
C PRO A 360 -12.42 -7.73 11.09
N PHE A 361 -11.77 -7.38 9.98
CA PHE A 361 -10.79 -8.23 9.35
C PHE A 361 -9.68 -7.41 8.66
N LEU A 362 -8.54 -8.04 8.51
CA LEU A 362 -7.47 -7.53 7.66
C LEU A 362 -7.59 -8.15 6.26
N PHE A 363 -7.11 -7.41 5.27
CA PHE A 363 -7.12 -7.88 3.89
C PHE A 363 -5.92 -7.29 3.15
N LEU A 364 -5.47 -8.06 2.17
CA LEU A 364 -4.40 -7.58 1.34
C LEU A 364 -4.55 -8.09 -0.08
N ILE A 365 -4.04 -7.30 -1.02
CA ILE A 365 -4.08 -7.64 -2.41
C ILE A 365 -2.65 -7.97 -2.79
N MET A 366 -2.45 -9.19 -3.26
N MET A 366 -2.45 -9.23 -3.21
CA MET A 366 -1.14 -9.74 -3.47
CA MET A 366 -1.14 -9.78 -3.50
C MET A 366 -0.89 -10.01 -4.95
C MET A 366 -0.92 -9.94 -4.99
N HIS A 367 0.27 -9.57 -5.44
CA HIS A 367 0.69 -9.86 -6.80
C HIS A 367 1.42 -11.18 -6.70
N LYS A 368 0.82 -12.24 -7.22
CA LYS A 368 1.30 -13.59 -6.92
C LYS A 368 2.68 -13.90 -7.53
N ILE A 369 2.95 -13.37 -8.71
CA ILE A 369 4.24 -13.64 -9.39
C ILE A 369 5.43 -13.11 -8.60
N THR A 370 5.33 -11.88 -8.10
CA THR A 370 6.40 -11.20 -7.32
C THR A 370 6.37 -11.48 -5.81
N ASN A 371 5.21 -11.96 -5.35
CA ASN A 371 4.85 -12.03 -3.96
C ASN A 371 4.87 -10.63 -3.29
N CYS A 372 4.65 -9.56 -4.04
CA CYS A 372 4.49 -8.23 -3.44
C CYS A 372 3.10 -7.96 -2.97
N ILE A 373 3.02 -7.32 -1.80
CA ILE A 373 1.72 -6.79 -1.34
C ILE A 373 1.46 -5.44 -2.03
N LEU A 374 0.48 -5.39 -2.88
CA LEU A 374 0.11 -4.16 -3.58
C LEU A 374 -0.70 -3.22 -2.65
N PHE A 375 -1.64 -3.79 -1.89
CA PHE A 375 -2.50 -3.02 -0.99
C PHE A 375 -2.77 -3.83 0.29
N PHE A 376 -3.01 -3.14 1.39
CA PHE A 376 -3.20 -3.79 2.72
C PHE A 376 -4.18 -2.89 3.50
N GLY A 377 -5.13 -3.51 4.23
CA GLY A 377 -6.15 -2.76 4.89
C GLY A 377 -6.77 -3.50 6.06
N ARG A 378 -7.50 -2.72 6.83
CA ARG A 378 -8.34 -3.16 7.92
C ARG A 378 -9.72 -2.62 7.58
N PHE A 379 -10.68 -3.53 7.48
CA PHE A 379 -12.11 -3.21 7.37
C PHE A 379 -12.75 -3.50 8.73
N SER A 380 -13.19 -2.43 9.38
CA SER A 380 -13.75 -2.53 10.69
C SER A 380 -15.08 -1.78 10.88
N SER A 381 -15.38 -0.84 10.01
CA SER A 381 -16.48 0.11 10.22
C SER A 381 -17.22 0.40 8.94
N PRO A 382 -18.37 -0.28 8.68
CA PRO A 382 -19.19 0.02 7.48
C PRO A 382 -19.65 1.45 7.49
C ACE B 1 -14.00 -6.22 -7.40
O ACE B 1 -14.29 -6.19 -6.19
CH3 ACE B 1 -14.66 -7.11 -8.45
N THR B 2 -12.93 -5.57 -7.86
CA THR B 2 -12.16 -4.64 -7.02
C THR B 2 -11.47 -3.62 -7.91
N GLU B 3 -11.74 -2.34 -7.67
CA GLU B 3 -10.97 -1.25 -8.17
C GLU B 3 -10.18 -0.69 -6.94
N ALA B 4 -8.85 -0.52 -7.09
CA ALA B 4 -8.01 0.04 -6.01
C ALA B 4 -7.00 1.01 -6.61
N ALA B 5 -6.66 2.07 -5.88
CA ALA B 5 -5.67 3.03 -6.39
C ALA B 5 -4.94 3.71 -5.22
N ALA B 6 -3.76 4.22 -5.48
CA ALA B 6 -3.01 4.99 -4.45
C ALA B 6 -2.05 5.96 -5.10
N GLY B 7 -1.76 7.06 -4.43
CA GLY B 7 -0.73 7.99 -4.81
C GLY B 7 0.15 8.13 -3.58
N ASP B 8 1.41 8.38 -3.83
CA ASP B 8 2.33 8.68 -2.77
C ASP B 8 3.25 9.82 -3.21
N GLY B 9 3.43 10.85 -2.38
CA GLY B 9 4.32 11.96 -2.75
C GLY B 9 5.24 12.33 -1.59
N GLY B 10 6.55 12.22 -1.85
CA GLY B 10 7.60 12.64 -0.95
C GLY B 10 7.97 14.07 -1.34
N VAL B 11 7.89 15.00 -0.41
CA VAL B 11 8.22 16.44 -0.64
C VAL B 11 9.62 16.80 -0.09
N MET B 12 10.56 17.13 -1.02
CA MET B 12 11.90 17.52 -0.70
C MET B 12 11.89 19.05 -0.64
N THR B 13 12.41 19.59 0.45
CA THR B 13 12.37 21.05 0.69
C THR B 13 13.79 21.59 0.86
N GLY B 14 14.01 22.81 0.38
CA GLY B 14 15.33 23.41 0.49
C GLY B 14 15.56 23.96 1.88
N ARG B 15 16.80 23.94 2.32
CA ARG B 15 17.20 24.58 3.57
C ARG B 15 18.35 25.56 3.26
#